data_4P4M
#
_entry.id   4P4M
#
_cell.length_a   108.680
_cell.length_b   108.680
_cell.length_c   151.641
_cell.angle_alpha   90.00
_cell.angle_beta   90.00
_cell.angle_gamma   120.00
#
_symmetry.space_group_name_H-M   'P 65 2 2'
#
loop_
_entity.id
_entity.type
_entity.pdbx_description
1 polymer 'DNA polymerase beta'
2 polymer "DNA (5'-D(*CP*AP*GP*TP*A)-3')"
3 polymer "DNA (5'-D(P*AP*TP*AP*CP*TP*G)-3')"
4 non-polymer "2',3'-DIDEOXY-THYMIDINE-5'-TRIPHOSPHATE"
5 non-polymer 'MAGNESIUM ION'
6 non-polymer 'SODIUM ION'
7 water water
#
loop_
_entity_poly.entity_id
_entity_poly.type
_entity_poly.pdbx_seq_one_letter_code
_entity_poly.pdbx_strand_id
1 'polypeptide(L)'
;GHMLRRKFLRRDHRENIIRIFQEMADLNNALGEKYKVSSYHRSIESLKTNLDKPLNTPQDLKAFSGFGAKLLKKAEEIMA
TGKLEELESKTKPKLKAIQELTQVHGFGPRAAAALFDREGIFTVDELLQKADSIPSLTDQQRVGIKYFYDINEKIPMQES
VLHENYLREKCMEVLGKDFSILICGSYRRRHPFSGDVDAILSRTLDAPPLSEPVAATGVLGHFVEFLESLKYLEATMAQG
PLKYMGMGRLPPRIVRDKAGRENTKVYKARRVDIRLIETKSVPTAMLTFTGSKNFNVIMRQAAISKGYLLNEYGLFKLGT
PEEARALYERIGIRGKNAGEELGVPKDELEDKRVEVRSEQDVFDVLGMPYAKPENRDP
;
A
2 'polydeoxyribonucleotide' (DC)(DA)(DG)(DT)(DA) D
3 'polydeoxyribonucleotide' (DA)(DT)(DA)(DC)(DT)(DG) E
#
# COMPACT_ATOMS: atom_id res chain seq x y z
N LYS A 92 25.34 -14.56 20.28
CA LYS A 92 24.61 -13.30 20.28
C LYS A 92 25.11 -12.27 19.24
N PRO A 93 26.41 -12.31 18.89
CA PRO A 93 26.92 -11.30 17.96
C PRO A 93 26.01 -11.10 16.74
N LYS A 94 25.50 -12.20 16.19
CA LYS A 94 24.67 -12.13 14.99
C LYS A 94 23.24 -11.71 15.27
N LEU A 95 22.86 -11.64 16.54
CA LEU A 95 21.52 -11.19 16.91
C LEU A 95 21.43 -9.66 16.83
N LYS A 96 22.50 -8.99 17.26
CA LYS A 96 22.56 -7.54 17.15
C LYS A 96 22.65 -7.16 15.67
N ALA A 97 23.39 -7.96 14.91
CA ALA A 97 23.52 -7.75 13.48
C ALA A 97 22.16 -7.83 12.78
N ILE A 98 21.40 -8.87 13.10
CA ILE A 98 20.08 -9.03 12.52
C ILE A 98 19.16 -7.85 12.85
N GLN A 99 19.16 -7.44 14.12
CA GLN A 99 18.33 -6.32 14.55
C GLN A 99 18.76 -5.03 13.85
N GLU A 100 20.04 -4.98 13.48
CA GLU A 100 20.63 -3.84 12.81
C GLU A 100 20.28 -3.85 11.33
N LEU A 101 20.57 -4.97 10.67
CA LEU A 101 20.42 -5.07 9.22
C LEU A 101 18.95 -5.04 8.77
N THR A 102 18.04 -5.53 9.60
CA THR A 102 16.64 -5.51 9.24
C THR A 102 16.06 -4.10 9.26
N GLN A 103 16.90 -3.10 9.54
CA GLN A 103 16.44 -1.72 9.44
C GLN A 103 16.31 -1.31 7.96
N VAL A 104 17.03 -2.01 7.08
CA VAL A 104 16.98 -1.72 5.65
C VAL A 104 15.76 -2.34 4.97
N HIS A 105 15.05 -1.55 4.18
CA HIS A 105 13.86 -1.98 3.44
CA HIS A 105 13.87 -2.04 3.49
C HIS A 105 14.22 -3.16 2.51
N GLY A 106 13.50 -4.26 2.64
CA GLY A 106 13.75 -5.43 1.81
C GLY A 106 14.54 -6.54 2.51
N PHE A 107 15.10 -6.22 3.67
CA PHE A 107 15.86 -7.22 4.42
C PHE A 107 15.08 -7.66 5.65
N GLY A 108 14.74 -8.95 5.71
CA GLY A 108 14.14 -9.49 6.91
C GLY A 108 15.17 -10.34 7.64
N PRO A 109 14.75 -11.01 8.72
CA PRO A 109 15.65 -11.84 9.52
C PRO A 109 16.43 -12.85 8.66
N ARG A 110 15.79 -13.39 7.63
CA ARG A 110 16.43 -14.40 6.80
C ARG A 110 17.60 -13.83 6.00
N ALA A 111 17.39 -12.69 5.34
CA ALA A 111 18.43 -12.06 4.54
C ALA A 111 19.57 -11.52 5.41
N ALA A 112 19.21 -11.03 6.58
CA ALA A 112 20.19 -10.45 7.51
C ALA A 112 21.16 -11.54 7.98
N ALA A 113 20.62 -12.72 8.30
CA ALA A 113 21.44 -13.85 8.71
C ALA A 113 22.45 -14.22 7.61
N ALA A 114 21.96 -14.36 6.38
CA ALA A 114 22.82 -14.71 5.26
C ALA A 114 23.96 -13.71 5.08
N LEU A 115 23.65 -12.43 5.25
CA LEU A 115 24.67 -11.37 5.16
C LEU A 115 25.76 -11.57 6.20
N PHE A 116 25.34 -11.90 7.42
CA PHE A 116 26.26 -12.11 8.53
C PHE A 116 27.11 -13.36 8.30
N ASP A 117 26.48 -14.44 7.83
CA ASP A 117 27.14 -15.73 7.72
C ASP A 117 27.98 -15.87 6.45
N ARG A 118 27.52 -15.30 5.35
CA ARG A 118 28.23 -15.47 4.07
C ARG A 118 29.05 -14.24 3.68
N GLU A 119 28.88 -13.13 4.40
CA GLU A 119 29.54 -11.89 4.03
C GLU A 119 30.26 -11.24 5.21
N GLY A 120 30.01 -11.73 6.41
CA GLY A 120 30.62 -11.18 7.60
C GLY A 120 30.20 -9.75 7.86
N ILE A 121 29.15 -9.31 7.16
CA ILE A 121 28.62 -7.97 7.31
C ILE A 121 27.74 -7.91 8.56
N PHE A 122 28.02 -6.98 9.46
CA PHE A 122 27.25 -6.90 10.71
C PHE A 122 26.68 -5.51 11.02
N THR A 123 26.92 -4.54 10.14
CA THR A 123 26.34 -3.22 10.33
C THR A 123 25.73 -2.69 9.05
N VAL A 124 24.74 -1.82 9.18
CA VAL A 124 24.10 -1.18 8.04
C VAL A 124 25.10 -0.41 7.21
N ASP A 125 26.03 0.27 7.90
CA ASP A 125 27.06 1.10 7.25
C ASP A 125 27.92 0.28 6.29
N GLU A 126 28.26 -0.93 6.70
CA GLU A 126 29.04 -1.84 5.86
C GLU A 126 28.22 -2.35 4.67
N LEU A 127 26.95 -2.65 4.91
CA LEU A 127 26.06 -3.05 3.82
C LEU A 127 25.98 -1.98 2.73
N LEU A 128 25.83 -0.72 3.12
CA LEU A 128 25.73 0.37 2.15
C LEU A 128 26.99 0.52 1.32
N GLN A 129 28.14 0.52 1.98
CA GLN A 129 29.42 0.72 1.30
CA GLN A 129 29.43 0.68 1.35
C GLN A 129 29.74 -0.46 0.38
N LYS A 130 29.24 -1.66 0.70
CA LYS A 130 29.56 -2.86 -0.07
C LYS A 130 28.49 -3.39 -1.05
N ALA A 131 27.26 -2.92 -0.93
CA ALA A 131 26.14 -3.49 -1.70
C ALA A 131 26.46 -3.79 -3.17
N ASP A 132 27.14 -2.86 -3.83
CA ASP A 132 27.42 -2.99 -5.26
C ASP A 132 28.26 -4.25 -5.57
N SER A 133 29.08 -4.66 -4.62
CA SER A 133 29.96 -5.81 -4.81
C SER A 133 29.29 -7.12 -4.40
N ILE A 134 28.03 -7.04 -3.98
CA ILE A 134 27.26 -8.23 -3.64
C ILE A 134 26.25 -8.53 -4.74
N PRO A 135 26.42 -9.68 -5.41
CA PRO A 135 25.61 -10.00 -6.59
C PRO A 135 24.26 -10.64 -6.25
N SER A 136 24.18 -11.30 -5.10
CA SER A 136 22.95 -12.00 -4.71
C SER A 136 21.79 -11.05 -4.45
N LEU A 137 22.08 -9.84 -3.99
CA LEU A 137 21.04 -8.87 -3.69
C LEU A 137 20.07 -8.71 -4.85
N THR A 138 18.78 -8.68 -4.54
CA THR A 138 17.76 -8.44 -5.55
C THR A 138 17.66 -6.96 -5.88
N ASP A 139 16.92 -6.65 -6.94
CA ASP A 139 16.68 -5.27 -7.34
C ASP A 139 15.92 -4.47 -6.27
N GLN A 140 14.99 -5.12 -5.59
CA GLN A 140 14.24 -4.44 -4.52
C GLN A 140 15.06 -4.09 -3.27
N GLN A 141 15.97 -4.99 -2.91
CA GLN A 141 16.86 -4.72 -1.77
C GLN A 141 17.80 -3.59 -2.13
N ARG A 142 18.15 -3.50 -3.41
CA ARG A 142 19.09 -2.48 -3.86
C ARG A 142 18.49 -1.08 -3.75
N VAL A 143 17.17 -0.97 -3.95
CA VAL A 143 16.50 0.30 -3.76
C VAL A 143 16.49 0.71 -2.29
N GLY A 144 16.24 -0.26 -1.40
CA GLY A 144 16.23 0.03 0.02
C GLY A 144 17.58 0.55 0.51
N ILE A 145 18.65 0.02 -0.08
CA ILE A 145 19.99 0.45 0.26
C ILE A 145 20.30 1.84 -0.30
N LYS A 146 20.03 2.03 -1.59
CA LYS A 146 20.32 3.31 -2.25
C LYS A 146 19.58 4.49 -1.62
N TYR A 147 18.34 4.25 -1.19
CA TYR A 147 17.49 5.30 -0.62
C TYR A 147 17.39 5.23 0.91
N PHE A 148 18.37 4.62 1.56
CA PHE A 148 18.36 4.47 3.01
C PHE A 148 18.12 5.78 3.76
N TYR A 149 18.85 6.84 3.41
CA TYR A 149 18.63 8.13 4.08
C TYR A 149 17.19 8.64 3.90
N ASP A 150 16.74 8.72 2.65
CA ASP A 150 15.39 9.24 2.35
C ASP A 150 14.30 8.43 3.06
N ILE A 151 14.43 7.11 3.03
CA ILE A 151 13.40 6.21 3.55
C ILE A 151 13.21 6.36 5.07
N ASN A 152 14.27 6.73 5.78
CA ASN A 152 14.16 6.91 7.23
C ASN A 152 13.66 8.30 7.66
N GLU A 153 13.33 9.15 6.70
CA GLU A 153 12.80 10.48 7.04
C GLU A 153 11.27 10.49 6.92
N LYS A 154 10.57 11.10 7.88
CA LYS A 154 9.11 11.17 7.85
CA LYS A 154 9.12 11.14 7.81
C LYS A 154 8.62 12.29 6.93
N ILE A 155 7.43 12.11 6.36
CA ILE A 155 6.82 13.11 5.48
C ILE A 155 5.88 14.03 6.28
N PRO A 156 6.13 15.34 6.30
CA PRO A 156 5.21 16.26 6.97
C PRO A 156 3.87 16.32 6.22
N MET A 157 2.78 16.49 6.97
CA MET A 157 1.45 16.56 6.37
CA MET A 157 1.44 16.57 6.39
C MET A 157 1.38 17.52 5.19
N GLN A 158 2.00 18.69 5.31
CA GLN A 158 1.96 19.67 4.21
C GLN A 158 2.49 19.10 2.89
N GLU A 159 3.52 18.26 2.96
CA GLU A 159 4.04 17.66 1.74
C GLU A 159 3.12 16.56 1.19
N SER A 160 2.51 15.77 2.07
CA SER A 160 1.53 14.78 1.63
C SER A 160 0.36 15.42 0.86
N VAL A 161 -0.08 16.59 1.30
CA VAL A 161 -1.08 17.35 0.54
C VAL A 161 -0.61 17.60 -0.90
N LEU A 162 0.66 17.96 -1.05
CA LEU A 162 1.23 18.17 -2.39
C LEU A 162 1.31 16.88 -3.21
N HIS A 163 1.66 15.75 -2.59
CA HIS A 163 1.63 14.47 -3.31
C HIS A 163 0.20 14.13 -3.74
N GLU A 164 -0.76 14.36 -2.86
CA GLU A 164 -2.16 14.11 -3.21
C GLU A 164 -2.59 14.92 -4.45
N ASN A 165 -2.30 16.21 -4.44
CA ASN A 165 -2.70 17.07 -5.56
C ASN A 165 -2.01 16.68 -6.86
N TYR A 166 -0.73 16.33 -6.75
CA TYR A 166 0.08 15.95 -7.92
C TYR A 166 -0.47 14.67 -8.56
N LEU A 167 -0.69 13.64 -7.75
CA LEU A 167 -1.17 12.36 -8.27
C LEU A 167 -2.58 12.50 -8.88
N ARG A 168 -3.44 13.30 -8.24
CA ARG A 168 -4.79 13.54 -8.76
C ARG A 168 -4.75 14.26 -10.13
N GLU A 169 -3.91 15.28 -10.22
CA GLU A 169 -3.75 15.99 -11.49
C GLU A 169 -3.23 15.08 -12.60
N LYS A 170 -2.19 14.29 -12.31
CA LYS A 170 -1.59 13.43 -13.34
C LYS A 170 -2.55 12.31 -13.73
N CYS A 171 -3.30 11.80 -12.75
CA CYS A 171 -4.34 10.82 -13.04
C CYS A 171 -5.36 11.38 -14.05
N MET A 172 -5.87 12.58 -13.79
CA MET A 172 -6.81 13.21 -14.74
C MET A 172 -6.21 13.38 -16.13
N GLU A 173 -4.94 13.80 -16.18
CA GLU A 173 -4.26 14.08 -17.45
CA GLU A 173 -4.25 14.09 -17.43
C GLU A 173 -4.13 12.85 -18.32
N VAL A 174 -3.68 11.74 -17.74
CA VAL A 174 -3.38 10.55 -18.55
C VAL A 174 -4.49 9.49 -18.56
N LEU A 175 -5.28 9.41 -17.49
CA LEU A 175 -6.36 8.41 -17.42
C LEU A 175 -7.77 8.99 -17.64
N GLY A 176 -7.94 10.29 -17.39
CA GLY A 176 -9.22 10.93 -17.64
C GLY A 176 -10.24 10.83 -16.52
N LYS A 177 -11.45 11.32 -16.75
CA LYS A 177 -12.46 11.47 -15.69
C LYS A 177 -13.02 10.15 -15.17
N ASP A 178 -12.79 9.04 -15.86
CA ASP A 178 -13.31 7.74 -15.36
C ASP A 178 -12.57 7.25 -14.11
N PHE A 179 -11.42 7.85 -13.81
CA PHE A 179 -10.58 7.39 -12.70
C PHE A 179 -10.43 8.42 -11.58
N SER A 180 -10.10 7.96 -10.38
CA SER A 180 -9.79 8.88 -9.29
C SER A 180 -8.66 8.37 -8.40
N ILE A 181 -8.05 9.29 -7.65
CA ILE A 181 -7.00 8.97 -6.68
C ILE A 181 -7.44 9.44 -5.28
N LEU A 182 -7.25 8.56 -4.29
CA LEU A 182 -7.51 8.87 -2.88
C LEU A 182 -6.29 8.48 -2.04
N ILE A 183 -5.82 9.37 -1.18
CA ILE A 183 -4.67 9.08 -0.32
C ILE A 183 -5.18 8.66 1.08
N CYS A 184 -4.77 7.48 1.53
CA CYS A 184 -5.22 6.93 2.81
C CYS A 184 -4.08 6.90 3.83
N GLY A 185 -3.85 5.76 4.47
CA GLY A 185 -2.78 5.64 5.45
C GLY A 185 -2.89 6.61 6.63
N SER A 186 -1.76 6.86 7.30
CA SER A 186 -1.74 7.72 8.48
C SER A 186 -2.04 9.20 8.16
N TYR A 187 -1.86 9.58 6.90
CA TYR A 187 -2.28 10.88 6.40
C TYR A 187 -3.80 11.09 6.57
N ARG A 188 -4.59 10.12 6.11
CA ARG A 188 -6.05 10.22 6.28
C ARG A 188 -6.44 10.16 7.76
N ARG A 189 -5.62 9.50 8.58
CA ARG A 189 -5.81 9.48 10.04
C ARG A 189 -5.34 10.79 10.70
N ARG A 190 -4.94 11.75 9.87
CA ARG A 190 -4.56 13.12 10.31
C ARG A 190 -3.31 13.21 11.20
N HIS A 191 -2.40 12.27 11.03
CA HIS A 191 -1.10 12.37 11.71
C HIS A 191 -0.29 13.51 11.13
N PRO A 192 0.42 14.27 11.98
CA PRO A 192 1.28 15.36 11.48
C PRO A 192 2.43 14.86 10.59
N PHE A 193 2.85 13.61 10.75
CA PHE A 193 3.85 13.00 9.87
C PHE A 193 3.41 11.61 9.41
N SER A 194 3.89 11.18 8.25
CA SER A 194 3.61 9.84 7.74
C SER A 194 4.90 9.19 7.20
N GLY A 195 4.93 7.86 7.23
CA GLY A 195 6.10 7.13 6.74
C GLY A 195 6.17 7.05 5.22
N ASP A 196 5.01 6.93 4.58
CA ASP A 196 4.94 6.76 3.12
C ASP A 196 3.67 7.41 2.57
N VAL A 197 3.43 7.24 1.28
CA VAL A 197 2.19 7.70 0.64
C VAL A 197 1.37 6.48 0.21
N ASP A 198 0.17 6.29 0.78
CA ASP A 198 -0.69 5.17 0.42
C ASP A 198 -1.86 5.62 -0.45
N ALA A 199 -1.80 5.28 -1.73
CA ALA A 199 -2.81 5.75 -2.67
C ALA A 199 -3.71 4.61 -3.18
N ILE A 200 -4.98 4.91 -3.37
CA ILE A 200 -5.92 4.02 -4.08
C ILE A 200 -6.27 4.64 -5.43
N LEU A 201 -6.10 3.83 -6.49
CA LEU A 201 -6.55 4.21 -7.82
C LEU A 201 -7.80 3.39 -8.15
N SER A 202 -8.89 4.06 -8.55
CA SER A 202 -10.13 3.32 -8.83
C SER A 202 -11.01 4.05 -9.84
N ARG A 203 -11.87 3.30 -10.53
CA ARG A 203 -12.86 3.91 -11.43
C ARG A 203 -14.01 4.51 -10.62
N THR A 204 -14.57 5.62 -11.11
CA THR A 204 -15.62 6.31 -10.38
C THR A 204 -16.96 5.59 -10.52
N LEU A 205 -17.91 5.95 -9.66
CA LEU A 205 -19.28 5.42 -9.74
C LEU A 205 -19.94 5.70 -11.09
N ASP A 206 -19.59 6.82 -11.72
CA ASP A 206 -20.15 7.18 -13.03
C ASP A 206 -19.53 6.47 -14.24
N ALA A 207 -18.33 5.92 -14.09
CA ALA A 207 -17.64 5.28 -15.21
C ALA A 207 -18.41 4.06 -15.72
N PRO A 208 -18.39 3.82 -17.04
CA PRO A 208 -19.13 2.64 -17.51
C PRO A 208 -18.49 1.34 -17.04
N PRO A 209 -19.31 0.30 -16.80
CA PRO A 209 -18.80 -1.00 -16.36
C PRO A 209 -17.96 -1.67 -17.44
N LEU A 210 -16.94 -2.42 -17.03
CA LEU A 210 -16.07 -3.14 -17.96
C LEU A 210 -16.50 -4.62 -18.03
N SER A 211 -16.01 -5.34 -19.03
CA SER A 211 -16.34 -6.76 -19.18
C SER A 211 -15.26 -7.70 -18.59
N GLU A 212 -14.23 -7.12 -17.99
CA GLU A 212 -13.11 -7.86 -17.41
C GLU A 212 -12.61 -7.11 -16.18
N PRO A 213 -11.81 -7.77 -15.32
CA PRO A 213 -11.23 -7.07 -14.17
C PRO A 213 -10.46 -5.84 -14.64
N VAL A 214 -10.59 -4.72 -13.93
CA VAL A 214 -9.90 -3.49 -14.36
C VAL A 214 -8.38 -3.69 -14.42
N ALA A 215 -7.86 -4.56 -13.58
CA ALA A 215 -6.43 -4.83 -13.57
C ALA A 215 -5.96 -5.41 -14.90
N ALA A 216 -6.85 -6.09 -15.62
CA ALA A 216 -6.48 -6.73 -16.88
C ALA A 216 -6.29 -5.73 -18.03
N THR A 217 -6.70 -4.49 -17.83
CA THR A 217 -6.54 -3.45 -18.85
C THR A 217 -5.11 -2.88 -18.91
N GLY A 218 -4.26 -3.23 -17.94
CA GLY A 218 -2.91 -2.70 -17.86
C GLY A 218 -2.86 -1.24 -17.37
N VAL A 219 -3.96 -0.75 -16.82
CA VAL A 219 -4.03 0.68 -16.46
C VAL A 219 -3.01 1.10 -15.38
N LEU A 220 -2.75 0.25 -14.39
CA LEU A 220 -1.78 0.65 -13.36
C LEU A 220 -0.41 0.90 -14.01
N GLY A 221 -0.04 0.01 -14.91
CA GLY A 221 1.23 0.12 -15.60
C GLY A 221 1.31 1.35 -16.49
N HIS A 222 0.20 1.72 -17.12
CA HIS A 222 0.15 2.95 -17.92
C HIS A 222 0.33 4.20 -17.05
N PHE A 223 -0.31 4.21 -15.88
CA PHE A 223 -0.19 5.34 -14.95
C PHE A 223 1.24 5.45 -14.42
N VAL A 224 1.83 4.31 -14.08
CA VAL A 224 3.22 4.28 -13.61
C VAL A 224 4.20 4.79 -14.69
N GLU A 225 4.03 4.34 -15.92
CA GLU A 225 4.90 4.81 -17.02
C GLU A 225 4.81 6.33 -17.20
N PHE A 226 3.61 6.87 -17.07
CA PHE A 226 3.40 8.31 -17.20
C PHE A 226 4.18 9.07 -16.10
N LEU A 227 4.04 8.62 -14.86
CA LEU A 227 4.76 9.23 -13.72
C LEU A 227 6.27 9.09 -13.86
N GLU A 228 6.72 8.00 -14.46
CA GLU A 228 8.16 7.83 -14.72
C GLU A 228 8.67 8.83 -15.78
N SER A 229 7.87 9.07 -16.82
CA SER A 229 8.28 10.01 -17.87
C SER A 229 8.38 11.44 -17.34
N LEU A 230 7.63 11.74 -16.29
CA LEU A 230 7.67 13.05 -15.64
C LEU A 230 8.79 13.17 -14.59
N LYS A 231 9.50 12.06 -14.38
CA LYS A 231 10.58 11.99 -13.38
C LYS A 231 10.07 12.13 -11.93
N TYR A 232 8.78 11.86 -11.72
CA TYR A 232 8.24 11.76 -10.36
C TYR A 232 8.63 10.41 -9.77
N LEU A 233 8.20 9.31 -10.40
CA LEU A 233 8.64 7.97 -10.00
C LEU A 233 10.06 7.74 -10.52
N GLU A 234 11.01 7.44 -9.62
CA GLU A 234 12.41 7.32 -10.04
C GLU A 234 13.05 5.98 -9.73
N ALA A 235 12.37 5.13 -8.96
CA ALA A 235 12.89 3.78 -8.68
C ALA A 235 11.74 2.87 -8.32
N THR A 236 11.84 1.58 -8.68
CA THR A 236 10.75 0.63 -8.41
C THR A 236 11.21 -0.50 -7.50
N MET A 237 10.46 -0.74 -6.42
CA MET A 237 10.73 -1.88 -5.53
C MET A 237 10.02 -3.16 -5.98
N ALA A 238 8.72 -3.03 -6.26
CA ALA A 238 7.91 -4.16 -6.73
C ALA A 238 6.74 -3.63 -7.55
N GLN A 239 6.32 -4.38 -8.56
CA GLN A 239 5.20 -3.97 -9.39
C GLN A 239 4.48 -5.15 -10.05
N GLY A 240 3.17 -5.19 -9.90
CA GLY A 240 2.31 -6.14 -10.59
C GLY A 240 1.06 -5.41 -11.06
N PRO A 241 0.04 -6.15 -11.49
CA PRO A 241 -1.15 -5.48 -12.05
C PRO A 241 -2.07 -4.83 -11.00
N LEU A 242 -1.89 -5.16 -9.72
CA LEU A 242 -2.72 -4.61 -8.65
C LEU A 242 -2.01 -3.63 -7.72
N LYS A 243 -0.70 -3.81 -7.57
CA LYS A 243 0.07 -3.09 -6.55
C LYS A 243 1.43 -2.61 -7.08
N TYR A 244 1.71 -1.32 -6.86
CA TYR A 244 3.00 -0.74 -7.21
C TYR A 244 3.67 -0.19 -5.94
N MET A 245 4.96 -0.45 -5.77
CA MET A 245 5.75 0.14 -4.69
C MET A 245 7.04 0.71 -5.26
N GLY A 246 7.28 2.00 -5.06
CA GLY A 246 8.47 2.66 -5.56
C GLY A 246 8.83 3.95 -4.81
N MET A 247 9.72 4.74 -5.40
CA MET A 247 10.15 6.01 -4.82
C MET A 247 9.67 7.14 -5.72
N GLY A 248 8.93 8.07 -5.15
CA GLY A 248 8.43 9.24 -5.87
C GLY A 248 8.94 10.54 -5.27
N ARG A 249 9.33 11.47 -6.13
CA ARG A 249 9.90 12.75 -5.67
C ARG A 249 9.22 13.91 -6.39
N LEU A 250 8.62 14.83 -5.63
CA LEU A 250 8.02 16.02 -6.23
C LEU A 250 9.09 16.83 -6.99
N PRO A 251 8.72 17.42 -8.13
CA PRO A 251 9.70 18.24 -8.86
C PRO A 251 10.07 19.49 -8.05
N PRO A 252 11.25 20.07 -8.31
CA PRO A 252 11.69 21.26 -7.59
C PRO A 252 10.70 22.40 -7.77
N ARG A 253 10.50 23.19 -6.71
CA ARG A 253 9.56 24.30 -6.73
C ARG A 253 10.31 25.62 -6.57
N ILE A 254 10.05 26.55 -7.48
CA ILE A 254 10.71 27.86 -7.44
C ILE A 254 9.72 28.97 -7.08
N ASN A 263 14.04 31.49 -4.03
CA ASN A 263 14.84 30.28 -3.85
C ASN A 263 14.14 29.01 -4.36
N THR A 264 14.94 28.00 -4.70
CA THR A 264 14.43 26.74 -5.21
C THR A 264 14.38 25.67 -4.12
N LYS A 265 13.21 25.08 -3.94
CA LYS A 265 13.03 23.99 -2.99
C LYS A 265 13.22 22.65 -3.69
N VAL A 266 14.13 21.83 -3.18
CA VAL A 266 14.35 20.47 -3.69
C VAL A 266 13.81 19.44 -2.68
N TYR A 267 13.09 18.43 -3.16
CA TYR A 267 12.42 17.47 -2.27
C TYR A 267 13.15 16.14 -2.14
N LYS A 268 12.94 15.47 -1.00
CA LYS A 268 13.40 14.09 -0.80
C LYS A 268 12.52 13.13 -1.63
N ALA A 269 13.11 12.03 -2.08
CA ALA A 269 12.30 10.94 -2.62
C ALA A 269 11.53 10.23 -1.49
N ARG A 270 10.28 9.85 -1.76
CA ARG A 270 9.41 9.24 -0.74
C ARG A 270 8.93 7.87 -1.19
N ARG A 271 8.64 6.99 -0.24
CA ARG A 271 7.98 5.72 -0.56
C ARG A 271 6.54 5.96 -0.98
N VAL A 272 6.21 5.52 -2.19
CA VAL A 272 4.87 5.67 -2.75
C VAL A 272 4.31 4.29 -3.07
N ASP A 273 3.14 3.98 -2.50
CA ASP A 273 2.44 2.71 -2.75
C ASP A 273 1.12 3.01 -3.46
N ILE A 274 0.86 2.37 -4.61
CA ILE A 274 -0.41 2.58 -5.32
C ILE A 274 -1.16 1.24 -5.45
N ARG A 275 -2.43 1.19 -5.02
CA ARG A 275 -3.23 -0.03 -5.17
CA ARG A 275 -3.25 -0.02 -5.14
C ARG A 275 -4.41 0.24 -6.10
N LEU A 276 -4.58 -0.62 -7.10
CA LEU A 276 -5.69 -0.51 -8.05
C LEU A 276 -6.87 -1.36 -7.55
N ILE A 277 -8.04 -0.73 -7.40
CA ILE A 277 -9.17 -1.35 -6.69
C ILE A 277 -10.46 -1.21 -7.52
N GLU A 278 -11.27 -2.27 -7.60
CA GLU A 278 -12.55 -2.22 -8.32
C GLU A 278 -13.53 -1.26 -7.64
N THR A 279 -14.37 -0.60 -8.43
CA THR A 279 -15.33 0.38 -7.89
C THR A 279 -16.14 -0.12 -6.68
N LYS A 280 -16.78 -1.29 -6.81
CA LYS A 280 -17.62 -1.79 -5.71
C LYS A 280 -16.83 -2.09 -4.43
N SER A 281 -15.51 -2.21 -4.57
CA SER A 281 -14.62 -2.50 -3.42
C SER A 281 -14.10 -1.24 -2.72
N VAL A 282 -14.40 -0.06 -3.25
CA VAL A 282 -13.77 1.15 -2.70
C VAL A 282 -14.03 1.42 -1.19
N PRO A 283 -15.28 1.25 -0.71
CA PRO A 283 -15.48 1.51 0.72
C PRO A 283 -14.66 0.59 1.64
N THR A 284 -14.60 -0.70 1.30
CA THR A 284 -13.80 -1.62 2.12
C THR A 284 -12.29 -1.40 1.92
N ALA A 285 -11.88 -0.92 0.75
CA ALA A 285 -10.45 -0.60 0.54
C ALA A 285 -10.07 0.67 1.31
N MET A 286 -10.97 1.64 1.39
CA MET A 286 -10.70 2.82 2.21
CA MET A 286 -10.74 2.82 2.21
C MET A 286 -10.48 2.41 3.66
N LEU A 287 -11.28 1.47 4.16
CA LEU A 287 -11.06 0.98 5.53
C LEU A 287 -9.70 0.31 5.67
N THR A 288 -9.39 -0.61 4.76
CA THR A 288 -8.14 -1.38 4.85
C THR A 288 -6.92 -0.48 4.75
N PHE A 289 -6.90 0.40 3.75
CA PHE A 289 -5.67 1.16 3.50
C PHE A 289 -5.51 2.39 4.39
N THR A 290 -6.58 2.74 5.10
CA THR A 290 -6.50 3.76 6.16
C THR A 290 -5.94 3.17 7.47
N GLY A 291 -6.31 1.93 7.80
CA GLY A 291 -5.79 1.32 9.01
C GLY A 291 -6.26 2.04 10.28
N SER A 292 -5.48 2.05 11.35
CA SER A 292 -4.14 1.48 11.43
C SER A 292 -4.12 -0.04 11.26
N LYS A 293 -2.92 -0.60 11.24
CA LYS A 293 -2.76 -2.05 11.22
C LYS A 293 -3.53 -2.75 12.34
N ASN A 294 -3.37 -2.27 13.58
CA ASN A 294 -4.04 -2.92 14.71
C ASN A 294 -5.56 -2.78 14.61
N PHE A 295 -6.00 -1.63 14.12
CA PHE A 295 -7.44 -1.43 13.89
C PHE A 295 -8.02 -2.45 12.90
N ASN A 296 -7.31 -2.70 11.80
CA ASN A 296 -7.77 -3.69 10.81
C ASN A 296 -7.85 -5.09 11.41
N VAL A 297 -6.86 -5.45 12.22
CA VAL A 297 -6.89 -6.77 12.84
C VAL A 297 -8.09 -6.92 13.79
N ILE A 298 -8.34 -5.91 14.61
CA ILE A 298 -9.51 -5.89 15.50
C ILE A 298 -10.83 -5.98 14.73
N MET A 299 -10.97 -5.20 13.67
CA MET A 299 -12.21 -5.23 12.87
C MET A 299 -12.38 -6.58 12.14
N ARG A 300 -11.27 -7.14 11.65
CA ARG A 300 -11.35 -8.44 10.98
C ARG A 300 -11.67 -9.57 11.97
N GLN A 301 -11.20 -9.45 13.21
CA GLN A 301 -11.56 -10.39 14.26
CA GLN A 301 -11.57 -10.41 14.23
C GLN A 301 -13.05 -10.30 14.58
N ALA A 302 -13.57 -9.07 14.64
CA ALA A 302 -15.00 -8.87 14.87
C ALA A 302 -15.83 -9.54 13.77
N ALA A 303 -15.37 -9.41 12.52
CA ALA A 303 -16.01 -10.07 11.39
C ALA A 303 -16.03 -11.59 11.58
N ILE A 304 -14.88 -12.16 11.90
CA ILE A 304 -14.79 -13.61 12.16
C ILE A 304 -15.82 -14.05 13.21
N SER A 305 -15.90 -13.30 14.31
CA SER A 305 -16.80 -13.68 15.40
C SER A 305 -18.27 -13.73 14.96
N LYS A 306 -18.61 -12.98 13.91
CA LYS A 306 -19.98 -12.92 13.42
C LYS A 306 -20.22 -13.72 12.14
N GLY A 307 -19.22 -14.49 11.73
CA GLY A 307 -19.35 -15.34 10.56
C GLY A 307 -19.07 -14.64 9.23
N TYR A 308 -18.30 -13.56 9.27
CA TYR A 308 -17.92 -12.82 8.06
C TYR A 308 -16.43 -12.93 7.75
N LEU A 309 -16.11 -12.66 6.48
CA LEU A 309 -14.74 -12.39 6.03
C LEU A 309 -14.69 -10.91 5.60
N LEU A 310 -13.76 -10.15 6.18
CA LEU A 310 -13.52 -8.75 5.78
C LEU A 310 -12.11 -8.59 5.18
N ASN A 311 -12.05 -8.03 3.98
CA ASN A 311 -10.76 -7.64 3.37
C ASN A 311 -10.96 -6.35 2.55
N GLU A 312 -9.97 -5.98 1.74
CA GLU A 312 -10.11 -4.73 0.98
C GLU A 312 -11.17 -4.83 -0.12
N TYR A 313 -11.48 -6.05 -0.53
CA TYR A 313 -12.37 -6.28 -1.66
C TYR A 313 -13.85 -6.30 -1.28
N GLY A 314 -14.15 -6.62 -0.02
CA GLY A 314 -15.55 -6.62 0.40
C GLY A 314 -15.80 -7.18 1.78
N LEU A 315 -17.07 -7.18 2.18
CA LEU A 315 -17.54 -7.82 3.40
C LEU A 315 -18.37 -9.02 2.97
N PHE A 316 -17.95 -10.23 3.35
CA PHE A 316 -18.57 -11.46 2.82
C PHE A 316 -19.16 -12.32 3.94
N LYS A 317 -20.44 -12.69 3.81
CA LYS A 317 -21.13 -13.43 4.87
C LYS A 317 -20.97 -14.93 4.62
N LEU A 318 -20.13 -15.57 5.41
CA LEU A 318 -19.76 -16.97 5.19
C LEU A 318 -20.75 -17.93 5.84
N GLY A 319 -21.36 -17.51 6.95
CA GLY A 319 -22.31 -18.34 7.66
C GLY A 319 -21.73 -18.94 8.94
N THR A 320 -22.08 -20.19 9.23
CA THR A 320 -21.57 -20.87 10.41
C THR A 320 -20.15 -21.38 10.17
N PRO A 321 -19.39 -21.62 11.26
CA PRO A 321 -17.99 -22.02 11.18
C PRO A 321 -17.74 -23.22 10.26
N GLU A 322 -18.72 -24.11 10.14
CA GLU A 322 -18.58 -25.28 9.28
C GLU A 322 -18.84 -24.95 7.82
N GLU A 323 -19.89 -24.18 7.57
CA GLU A 323 -20.24 -23.75 6.22
C GLU A 323 -19.06 -23.02 5.56
N ALA A 324 -18.26 -22.35 6.38
CA ALA A 324 -17.09 -21.63 5.91
C ALA A 324 -16.02 -22.59 5.40
N ARG A 325 -15.76 -23.65 6.17
CA ARG A 325 -14.76 -24.64 5.81
C ARG A 325 -15.11 -25.33 4.50
N GLY A 335 -5.70 -20.87 -2.73
CA GLY A 335 -4.67 -21.21 -1.77
C GLY A 335 -3.76 -20.04 -1.47
N LYS A 336 -3.80 -19.03 -2.34
CA LYS A 336 -2.98 -17.83 -2.16
C LYS A 336 -3.69 -16.83 -1.25
N ASN A 337 -5.02 -16.90 -1.25
CA ASN A 337 -5.86 -15.97 -0.50
C ASN A 337 -7.23 -16.62 -0.33
N ALA A 338 -8.18 -15.91 0.26
CA ALA A 338 -9.51 -16.46 0.53
C ALA A 338 -10.31 -16.81 -0.74
N GLY A 339 -9.90 -16.26 -1.89
CA GLY A 339 -10.56 -16.56 -3.14
C GLY A 339 -10.77 -15.37 -4.08
N GLU A 340 -9.69 -14.67 -4.39
CA GLU A 340 -9.73 -13.56 -5.34
C GLU A 340 -8.66 -13.71 -6.42
N GLU A 341 -8.96 -13.30 -7.65
CA GLU A 341 -7.97 -13.28 -8.72
CA GLU A 341 -7.96 -13.27 -8.71
C GLU A 341 -8.03 -11.93 -9.44
N LEU A 342 -6.87 -11.32 -9.65
CA LEU A 342 -6.80 -9.99 -10.29
C LEU A 342 -7.75 -8.99 -9.62
N GLY A 343 -7.89 -9.09 -8.30
CA GLY A 343 -8.65 -8.11 -7.55
C GLY A 343 -10.16 -8.34 -7.51
N VAL A 344 -10.60 -9.49 -8.02
CA VAL A 344 -12.03 -9.83 -8.12
C VAL A 344 -12.30 -11.16 -7.42
N PRO A 345 -13.25 -11.17 -6.47
CA PRO A 345 -13.57 -12.44 -5.81
C PRO A 345 -14.15 -13.46 -6.81
N LYS A 346 -13.74 -14.72 -6.67
CA LYS A 346 -14.35 -15.80 -7.45
C LYS A 346 -15.85 -15.85 -7.19
N ASP A 347 -16.63 -16.33 -8.15
CA ASP A 347 -18.09 -16.29 -8.05
C ASP A 347 -18.65 -16.85 -6.73
N GLU A 348 -18.08 -17.95 -6.25
CA GLU A 348 -18.58 -18.58 -5.03
C GLU A 348 -18.46 -17.64 -3.82
N LEU A 349 -17.43 -16.82 -3.81
CA LEU A 349 -17.23 -15.82 -2.75
C LEU A 349 -18.04 -14.55 -3.04
N GLU A 350 -18.05 -14.11 -4.29
CA GLU A 350 -18.83 -12.94 -4.67
C GLU A 350 -20.30 -13.10 -4.29
N ASP A 351 -20.84 -14.32 -4.41
CA ASP A 351 -22.22 -14.60 -4.04
C ASP A 351 -22.52 -14.30 -2.56
N LYS A 352 -21.47 -14.29 -1.74
CA LYS A 352 -21.61 -14.04 -0.30
C LYS A 352 -21.52 -12.55 0.07
N ARG A 353 -21.26 -11.70 -0.92
CA ARG A 353 -21.03 -10.29 -0.64
C ARG A 353 -22.22 -9.59 -0.01
N VAL A 354 -21.97 -8.85 1.06
CA VAL A 354 -22.93 -7.87 1.57
C VAL A 354 -22.51 -6.52 1.00
N GLU A 355 -23.31 -5.99 0.08
CA GLU A 355 -22.97 -4.72 -0.55
C GLU A 355 -22.92 -3.59 0.47
N VAL A 356 -21.89 -2.74 0.38
CA VAL A 356 -21.81 -1.55 1.23
C VAL A 356 -21.46 -0.32 0.40
N ARG A 357 -21.91 0.86 0.85
CA ARG A 357 -21.59 2.10 0.14
C ARG A 357 -20.68 3.01 0.95
N SER A 358 -20.56 2.74 2.25
CA SER A 358 -19.77 3.60 3.15
C SER A 358 -19.00 2.79 4.18
N GLU A 359 -17.97 3.39 4.77
CA GLU A 359 -17.29 2.76 5.91
C GLU A 359 -18.28 2.50 7.04
N GLN A 360 -19.15 3.47 7.30
CA GLN A 360 -20.15 3.35 8.37
CA GLN A 360 -20.15 3.35 8.36
C GLN A 360 -20.99 2.08 8.22
N ASP A 361 -21.34 1.72 6.98
CA ASP A 361 -22.10 0.49 6.73
C ASP A 361 -21.42 -0.73 7.37
N VAL A 362 -20.10 -0.81 7.18
CA VAL A 362 -19.33 -1.96 7.69
C VAL A 362 -19.33 -2.01 9.22
N PHE A 363 -19.07 -0.87 9.87
CA PHE A 363 -19.16 -0.80 11.33
C PHE A 363 -20.53 -1.31 11.80
N ASP A 364 -21.59 -0.85 11.13
CA ASP A 364 -22.97 -1.18 11.55
C ASP A 364 -23.27 -2.67 11.46
N VAL A 365 -22.92 -3.30 10.34
CA VAL A 365 -23.18 -4.73 10.14
C VAL A 365 -22.38 -5.56 11.14
N LEU A 366 -21.22 -5.05 11.55
CA LEU A 366 -20.38 -5.79 12.49
C LEU A 366 -20.66 -5.44 13.95
N GLY A 367 -21.65 -4.58 14.18
CA GLY A 367 -22.01 -4.18 15.52
C GLY A 367 -20.96 -3.39 16.29
N MET A 368 -20.15 -2.62 15.58
CA MET A 368 -19.10 -1.79 16.19
C MET A 368 -19.44 -0.31 16.06
N PRO A 369 -19.16 0.48 17.11
CA PRO A 369 -19.38 1.93 17.05
C PRO A 369 -18.51 2.57 15.98
N TYR A 370 -19.08 3.46 15.17
CA TYR A 370 -18.30 4.17 14.16
C TYR A 370 -17.12 4.91 14.79
N ALA A 371 -15.96 4.85 14.15
CA ALA A 371 -14.80 5.65 14.57
C ALA A 371 -14.30 6.47 13.39
N LYS A 372 -14.10 7.78 13.60
CA LYS A 372 -13.48 8.61 12.56
C LYS A 372 -12.06 8.11 12.29
N PRO A 373 -11.53 8.33 11.08
CA PRO A 373 -10.15 7.92 10.78
C PRO A 373 -9.11 8.34 11.83
N GLU A 374 -9.22 9.57 12.33
CA GLU A 374 -8.26 10.06 13.32
C GLU A 374 -8.35 9.35 14.67
N ASN A 375 -9.41 8.55 14.86
CA ASN A 375 -9.55 7.75 16.07
C ASN A 375 -9.33 6.26 15.82
N ARG A 376 -8.58 5.93 14.77
CA ARG A 376 -8.32 4.52 14.47
C ARG A 376 -6.86 4.15 14.77
N ASP A 377 -6.41 4.46 15.98
CA ASP A 377 -5.05 4.09 16.40
C ASP A 377 -5.04 3.31 17.73
N PRO A 378 -5.69 2.13 17.75
CA PRO A 378 -5.76 1.35 18.99
C PRO A 378 -4.42 0.71 19.38
#